data_2PTM
#
_entry.id   2PTM
#
_cell.length_a   92.354
_cell.length_b   92.354
_cell.length_c   63.646
_cell.angle_alpha   90.00
_cell.angle_beta   90.00
_cell.angle_gamma   90.00
#
_symmetry.space_group_name_H-M   'P 4 21 2'
#
loop_
_entity.id
_entity.type
_entity.pdbx_description
1 polymer 'Hyperpolarization-activated (Ih) channel'
2 non-polymer 'COBALT HEXAMMINE(III)'
3 non-polymer "ADENOSINE-3',5'-CYCLIC-MONOPHOSPHATE"
4 water water
#
_entity_poly.entity_id   1
_entity_poly.type   'polypeptide(L)'
_entity_poly.pdbx_seq_one_letter_code
;GAMDSSSRQYREKLKQVEEYMQYRKLPSHLRNKILDYYEYRYRGKMFDERHIFREVSESIRQDVANYNCRDLVASVPFFV
GADSNFVTRVVTLLEFEVFQPADYVIQEGTFGDRMFFIQQGIVDIIMSDGVIATSLSDGSYFGEICLLTRERRVASVKCE
TYCTLFSLSVQHFNQVLDEFPAMRKTMEEIAVRRLTRI
;
_entity_poly.pdbx_strand_id   A
#
# COMPACT_ATOMS: atom_id res chain seq x y z
N ASP A 4 4.74 -25.96 6.49
CA ASP A 4 5.77 -26.31 7.46
C ASP A 4 7.06 -25.53 7.22
N SER A 5 7.46 -25.43 5.96
CA SER A 5 8.64 -24.65 5.58
C SER A 5 8.38 -23.15 5.78
N SER A 6 7.14 -22.73 5.54
CA SER A 6 6.75 -21.35 5.73
C SER A 6 6.68 -21.02 7.24
N SER A 7 6.30 -22.01 8.03
CA SER A 7 6.23 -21.85 9.48
C SER A 7 7.61 -21.72 10.11
N ARG A 8 8.56 -22.53 9.64
CA ARG A 8 9.93 -22.50 10.13
C ARG A 8 10.57 -21.16 9.81
N GLN A 9 10.29 -20.65 8.62
CA GLN A 9 10.81 -19.37 8.18
C GLN A 9 10.40 -18.28 9.17
N TYR A 10 9.16 -18.35 9.64
CA TYR A 10 8.59 -17.32 10.52
C TYR A 10 9.14 -17.40 11.94
N ARG A 11 9.24 -18.61 12.49
CA ARG A 11 9.79 -18.80 13.81
C ARG A 11 11.25 -18.37 13.81
N GLU A 12 11.95 -18.73 12.74
CA GLU A 12 13.31 -18.30 12.49
C GLU A 12 13.39 -16.79 12.64
N LYS A 13 12.65 -16.10 11.78
CA LYS A 13 12.60 -14.64 11.75
C LYS A 13 12.30 -14.03 13.11
N LEU A 14 11.25 -14.49 13.76
CA LEU A 14 10.79 -13.88 15.01
C LEU A 14 11.84 -13.99 16.11
N LYS A 15 12.57 -15.10 16.13
CA LYS A 15 13.62 -15.28 17.12
C LYS A 15 14.69 -14.18 17.01
N GLN A 16 15.17 -13.94 15.81
CA GLN A 16 16.21 -12.95 15.61
C GLN A 16 15.70 -11.52 15.80
N VAL A 17 14.41 -11.30 15.53
CA VAL A 17 13.80 -9.99 15.76
C VAL A 17 13.82 -9.63 17.24
N GLU A 18 13.44 -10.59 18.09
CA GLU A 18 13.42 -10.35 19.52
C GLU A 18 14.82 -10.12 20.07
N GLU A 19 15.81 -10.76 19.44
CA GLU A 19 17.21 -10.59 19.82
C GLU A 19 17.70 -9.19 19.49
N TYR A 20 17.33 -8.71 18.30
CA TYR A 20 17.73 -7.37 17.89
C TYR A 20 17.12 -6.32 18.81
N MET A 21 15.82 -6.46 19.08
CA MET A 21 15.11 -5.53 19.93
C MET A 21 15.71 -5.49 21.35
N GLN A 22 16.30 -6.61 21.76
CA GLN A 22 16.98 -6.69 23.04
C GLN A 22 18.30 -5.91 23.02
N TYR A 23 19.09 -6.07 21.96
CA TYR A 23 20.36 -5.36 21.85
C TYR A 23 20.14 -3.85 21.75
N ARG A 24 19.02 -3.46 21.16
CA ARG A 24 18.69 -2.05 20.98
C ARG A 24 17.92 -1.50 22.19
N LYS A 25 17.64 -2.39 23.14
CA LYS A 25 16.90 -2.02 24.34
C LYS A 25 15.64 -1.21 24.00
N LEU A 26 14.93 -1.63 22.97
CA LEU A 26 13.72 -0.94 22.57
C LEU A 26 12.73 -0.94 23.72
N PRO A 27 11.95 0.14 23.86
CA PRO A 27 10.92 0.20 24.90
C PRO A 27 9.88 -0.90 24.68
N SER A 28 9.24 -1.39 25.73
CA SER A 28 8.29 -2.49 25.59
C SER A 28 7.14 -2.15 24.62
N HIS A 29 6.67 -0.91 24.63
CA HIS A 29 5.58 -0.51 23.75
C HIS A 29 5.93 -0.69 22.29
N LEU A 30 7.20 -0.46 21.97
CA LEU A 30 7.68 -0.55 20.58
C LEU A 30 7.99 -1.99 20.20
N ARG A 31 8.53 -2.76 21.15
CA ARG A 31 8.76 -4.18 20.94
C ARG A 31 7.43 -4.84 20.63
N ASN A 32 6.42 -4.49 21.41
CA ASN A 32 5.09 -5.05 21.22
C ASN A 32 4.44 -4.62 19.90
N LYS A 33 4.72 -3.39 19.47
CA LYS A 33 4.21 -2.92 18.19
C LYS A 33 4.79 -3.77 17.06
N ILE A 34 6.08 -4.03 17.14
CA ILE A 34 6.78 -4.82 16.14
C ILE A 34 6.30 -6.27 16.12
N LEU A 35 6.20 -6.89 17.28
CA LEU A 35 5.70 -8.27 17.34
C LEU A 35 4.26 -8.37 16.84
N ASP A 36 3.41 -7.40 17.22
CA ASP A 36 2.03 -7.36 16.71
C ASP A 36 1.99 -7.22 15.19
N TYR A 37 2.91 -6.43 14.64
CA TYR A 37 2.99 -6.27 13.19
C TYR A 37 3.34 -7.60 12.50
N TYR A 38 4.36 -8.31 12.99
CA TYR A 38 4.73 -9.57 12.36
C TYR A 38 3.60 -10.57 12.45
N GLU A 39 2.95 -10.62 13.59
CA GLU A 39 1.84 -11.56 13.77
C GLU A 39 0.71 -11.20 12.81
N TYR A 40 0.37 -9.92 12.75
CA TYR A 40 -0.75 -9.48 11.91
C TYR A 40 -0.48 -9.72 10.43
N ARG A 41 0.71 -9.34 10.00
CA ARG A 41 1.03 -9.42 8.58
C ARG A 41 1.25 -10.84 8.11
N TYR A 42 2.04 -11.60 8.87
CA TYR A 42 2.50 -12.91 8.39
C TYR A 42 1.72 -14.09 8.96
N ARG A 43 1.11 -13.90 10.13
CA ARG A 43 0.25 -14.91 10.75
C ARG A 43 0.97 -16.26 10.89
N GLY A 44 2.25 -16.21 11.22
CA GLY A 44 3.00 -17.41 11.57
C GLY A 44 3.64 -18.11 10.39
N LYS A 45 3.57 -17.50 9.21
CA LYS A 45 4.12 -18.12 8.02
C LYS A 45 4.73 -17.07 7.10
N MET A 46 5.97 -17.32 6.69
CA MET A 46 6.62 -16.44 5.74
C MET A 46 7.05 -17.19 4.50
N PHE A 47 6.25 -17.04 3.44
CA PHE A 47 6.65 -17.48 2.11
C PHE A 47 7.53 -16.37 1.55
N ASP A 48 7.67 -16.30 0.24
CA ASP A 48 8.46 -15.22 -0.35
C ASP A 48 7.70 -14.48 -1.45
N GLU A 49 7.23 -15.25 -2.43
CA GLU A 49 6.53 -14.72 -3.60
C GLU A 49 7.47 -14.02 -4.57
N ARG A 50 8.38 -13.20 -4.05
CA ARG A 50 9.37 -12.52 -4.89
C ARG A 50 10.27 -13.53 -5.62
N HIS A 51 10.63 -14.59 -4.93
CA HIS A 51 11.48 -15.63 -5.52
C HIS A 51 10.70 -16.40 -6.58
N ILE A 52 9.50 -16.81 -6.22
CA ILE A 52 8.62 -17.55 -7.13
C ILE A 52 8.30 -16.72 -8.37
N PHE A 53 7.82 -15.50 -8.17
CA PHE A 53 7.55 -14.62 -9.31
C PHE A 53 8.75 -14.56 -10.28
N ARG A 54 9.96 -14.53 -9.76
CA ARG A 54 11.15 -14.39 -10.61
C ARG A 54 11.53 -15.69 -11.34
N GLU A 55 11.04 -16.82 -10.85
CA GLU A 55 11.31 -18.13 -11.45
C GLU A 55 10.34 -18.48 -12.59
N VAL A 56 9.33 -17.64 -12.77
CA VAL A 56 8.25 -17.96 -13.69
C VAL A 56 8.17 -16.96 -14.84
N SER A 57 7.25 -17.22 -15.76
CA SER A 57 7.07 -16.38 -16.94
C SER A 57 6.37 -15.09 -16.55
N GLU A 58 6.43 -14.11 -17.44
CA GLU A 58 5.70 -12.87 -17.25
C GLU A 58 4.19 -13.16 -17.20
N SER A 59 3.74 -14.12 -17.98
CA SER A 59 2.32 -14.52 -17.97
C SER A 59 1.87 -15.08 -16.62
N ILE A 60 2.67 -15.97 -16.05
CA ILE A 60 2.35 -16.49 -14.72
C ILE A 60 2.33 -15.33 -13.71
N ARG A 61 3.29 -14.42 -13.81
CA ARG A 61 3.33 -13.28 -12.89
C ARG A 61 2.07 -12.42 -13.01
N GLN A 62 1.59 -12.23 -14.23
CA GLN A 62 0.38 -11.44 -14.43
C GLN A 62 -0.83 -12.19 -13.89
N ASP A 63 -0.90 -13.48 -14.17
CA ASP A 63 -2.01 -14.31 -13.69
C ASP A 63 -2.07 -14.31 -12.18
N VAL A 64 -0.92 -14.48 -11.54
CA VAL A 64 -0.88 -14.52 -10.08
C VAL A 64 -1.20 -13.15 -9.48
N ALA A 65 -0.63 -12.09 -10.03
CA ALA A 65 -0.93 -10.77 -9.50
C ALA A 65 -2.40 -10.41 -9.68
N ASN A 66 -2.95 -10.76 -10.84
CA ASN A 66 -4.37 -10.50 -11.10
C ASN A 66 -5.26 -11.23 -10.11
N TYR A 67 -4.90 -12.48 -9.80
CA TYR A 67 -5.73 -13.24 -8.86
C TYR A 67 -5.63 -12.71 -7.43
N ASN A 68 -4.40 -12.46 -6.98
CA ASN A 68 -4.21 -11.95 -5.62
C ASN A 68 -4.83 -10.58 -5.42
N CYS A 69 -4.91 -9.79 -6.49
CA CYS A 69 -5.47 -8.44 -6.42
C CYS A 69 -6.92 -8.35 -6.92
N ARG A 70 -7.56 -9.49 -7.14
CA ARG A 70 -8.92 -9.53 -7.68
C ARG A 70 -9.93 -8.72 -6.85
N ASP A 71 -9.96 -8.95 -5.54
CA ASP A 71 -10.87 -8.23 -4.66
C ASP A 71 -10.59 -6.73 -4.63
N LEU A 72 -9.32 -6.35 -4.61
CA LEU A 72 -8.97 -4.93 -4.63
C LEU A 72 -9.49 -4.30 -5.91
N VAL A 73 -9.21 -4.95 -7.04
CA VAL A 73 -9.61 -4.40 -8.33
C VAL A 73 -11.13 -4.23 -8.40
N ALA A 74 -11.87 -5.22 -7.91
CA ALA A 74 -13.32 -5.16 -7.89
C ALA A 74 -13.83 -4.02 -7.00
N SER A 75 -13.08 -3.69 -5.95
CA SER A 75 -13.52 -2.68 -4.97
C SER A 75 -13.17 -1.26 -5.36
N VAL A 76 -12.21 -1.10 -6.27
CA VAL A 76 -11.79 0.23 -6.71
C VAL A 76 -12.58 0.70 -7.94
N PRO A 77 -13.53 1.63 -7.74
CA PRO A 77 -14.35 2.14 -8.84
C PRO A 77 -13.48 2.67 -9.98
N PHE A 78 -12.29 3.16 -9.64
CA PHE A 78 -11.32 3.66 -10.61
C PHE A 78 -11.08 2.67 -11.74
N PHE A 79 -11.08 1.37 -11.40
CA PHE A 79 -10.78 0.33 -12.38
C PHE A 79 -11.97 -0.09 -13.23
N VAL A 80 -13.15 0.46 -12.95
CA VAL A 80 -14.36 0.10 -13.67
C VAL A 80 -14.28 0.54 -15.13
N GLY A 81 -14.40 -0.42 -16.04
CA GLY A 81 -14.37 -0.14 -17.46
C GLY A 81 -12.98 0.12 -18.02
N ALA A 82 -11.97 0.04 -17.14
CA ALA A 82 -10.59 0.27 -17.53
C ALA A 82 -10.13 -0.79 -18.53
N ASP A 83 -9.11 -0.46 -19.31
CA ASP A 83 -8.50 -1.41 -20.24
C ASP A 83 -7.85 -2.53 -19.44
N SER A 84 -8.11 -3.78 -19.83
CA SER A 84 -7.53 -4.95 -19.17
C SER A 84 -6.01 -4.87 -19.04
N ASN A 85 -5.38 -4.30 -20.07
CA ASN A 85 -3.92 -4.13 -20.07
C ASN A 85 -3.48 -3.12 -19.03
N PHE A 86 -4.30 -2.09 -18.80
CA PHE A 86 -4.04 -1.12 -17.73
C PHE A 86 -4.09 -1.80 -16.37
N VAL A 87 -5.18 -2.51 -16.10
CA VAL A 87 -5.30 -3.19 -14.82
C VAL A 87 -4.15 -4.18 -14.60
N THR A 88 -3.81 -4.96 -15.62
CA THR A 88 -2.72 -5.90 -15.49
C THR A 88 -1.38 -5.21 -15.17
N ARG A 89 -1.12 -4.11 -15.86
CA ARG A 89 0.12 -3.37 -15.63
C ARG A 89 0.22 -2.88 -14.19
N VAL A 90 -0.85 -2.29 -13.69
CA VAL A 90 -0.87 -1.76 -12.34
C VAL A 90 -0.65 -2.85 -11.30
N VAL A 91 -1.45 -3.91 -11.36
CA VAL A 91 -1.39 -4.95 -10.33
C VAL A 91 -0.01 -5.61 -10.28
N THR A 92 0.69 -5.65 -11.40
CA THR A 92 2.03 -6.26 -11.42
C THR A 92 3.08 -5.33 -10.80
N LEU A 93 2.74 -4.07 -10.64
CA LEU A 93 3.67 -3.10 -10.07
C LEU A 93 3.35 -2.70 -8.63
N LEU A 94 2.18 -3.10 -8.13
CA LEU A 94 1.79 -2.74 -6.76
C LEU A 94 2.69 -3.42 -5.72
N GLU A 95 2.95 -2.72 -4.61
CA GLU A 95 3.70 -3.31 -3.49
C GLU A 95 2.81 -3.41 -2.25
N PHE A 96 2.74 -4.59 -1.67
CA PHE A 96 1.91 -4.79 -0.46
C PHE A 96 2.53 -4.10 0.74
N GLU A 97 1.72 -3.37 1.49
CA GLU A 97 2.20 -2.69 2.70
C GLU A 97 1.15 -2.87 3.77
N VAL A 98 1.58 -2.97 5.01
CA VAL A 98 0.64 -3.03 6.13
C VAL A 98 1.02 -1.92 7.09
N PHE A 99 0.01 -1.21 7.60
CA PHE A 99 0.18 -0.21 8.64
C PHE A 99 -0.75 -0.50 9.83
N GLN A 100 -0.43 0.10 10.97
CA GLN A 100 -1.11 -0.15 12.24
C GLN A 100 -1.90 1.06 12.70
N PRO A 101 -2.88 0.85 13.61
CA PRO A 101 -3.69 1.94 14.12
C PRO A 101 -2.84 3.12 14.60
N ALA A 102 -3.25 4.33 14.22
CA ALA A 102 -2.57 5.58 14.57
C ALA A 102 -1.29 5.87 13.77
N ASP A 103 -0.85 4.96 12.90
CA ASP A 103 0.29 5.23 12.02
C ASP A 103 -0.04 6.36 11.05
N TYR A 104 0.88 7.29 10.88
CA TYR A 104 0.78 8.27 9.79
C TYR A 104 1.42 7.71 8.53
N VAL A 105 0.59 7.32 7.57
CA VAL A 105 1.09 6.85 6.28
C VAL A 105 1.69 8.02 5.50
N ILE A 106 1.06 9.17 5.65
CA ILE A 106 1.46 10.38 4.92
C ILE A 106 1.41 11.57 5.85
N GLN A 107 2.43 12.42 5.78
CA GLN A 107 2.47 13.68 6.52
C GLN A 107 2.32 14.87 5.57
N GLU A 108 1.39 15.77 5.90
CA GLU A 108 1.19 16.98 5.12
C GLU A 108 2.50 17.76 5.00
N GLY A 109 2.77 18.27 3.80
CA GLY A 109 3.89 19.17 3.60
C GLY A 109 5.21 18.51 3.22
N THR A 110 5.24 17.20 3.16
CA THR A 110 6.46 16.48 2.77
C THR A 110 6.40 16.15 1.29
N PHE A 111 7.50 15.66 0.74
CA PHE A 111 7.52 15.12 -0.62
C PHE A 111 6.95 13.71 -0.61
N GLY A 112 6.33 13.29 -1.71
CA GLY A 112 5.76 11.96 -1.79
C GLY A 112 6.51 11.09 -2.79
N ASP A 113 6.67 9.82 -2.45
CA ASP A 113 7.38 8.89 -3.33
C ASP A 113 6.47 7.80 -3.91
N ARG A 114 5.22 7.77 -3.48
CA ARG A 114 4.30 6.73 -3.93
C ARG A 114 2.85 7.08 -3.54
N MET A 115 1.88 6.40 -4.16
CA MET A 115 0.49 6.53 -3.76
C MET A 115 0.01 5.16 -3.27
N PHE A 116 -1.20 5.13 -2.72
CA PHE A 116 -1.71 3.94 -2.02
C PHE A 116 -3.13 3.58 -2.41
N PHE A 117 -3.38 2.29 -2.59
CA PHE A 117 -4.74 1.77 -2.77
C PHE A 117 -5.09 1.01 -1.50
N ILE A 118 -6.30 1.24 -0.98
CA ILE A 118 -6.70 0.57 0.26
C ILE A 118 -7.38 -0.77 -0.04
N GLN A 119 -6.75 -1.85 0.37
CA GLN A 119 -7.41 -3.15 0.25
C GLN A 119 -8.39 -3.25 1.40
N GLN A 120 -7.87 -3.12 2.61
CA GLN A 120 -8.73 -3.11 3.78
C GLN A 120 -8.26 -2.13 4.83
N GLY A 121 -9.20 -1.43 5.45
CA GLY A 121 -8.88 -0.54 6.54
C GLY A 121 -9.56 0.80 6.40
N ILE A 122 -9.39 1.62 7.41
CA ILE A 122 -9.98 2.96 7.42
C ILE A 122 -8.88 3.96 7.76
N VAL A 123 -8.77 5.01 6.97
CA VAL A 123 -7.83 6.09 7.25
C VAL A 123 -8.57 7.42 7.35
N ASP A 124 -8.00 8.35 8.12
CA ASP A 124 -8.51 9.71 8.22
C ASP A 124 -7.64 10.64 7.39
N ILE A 125 -8.28 11.55 6.66
CA ILE A 125 -7.58 12.61 5.93
C ILE A 125 -7.59 13.86 6.82
N ILE A 126 -6.40 14.29 7.25
CA ILE A 126 -6.31 15.36 8.24
C ILE A 126 -5.65 16.60 7.64
N MET A 127 -6.38 17.71 7.62
CA MET A 127 -5.85 18.95 7.04
C MET A 127 -4.79 19.57 7.94
N SER A 128 -4.07 20.55 7.41
CA SER A 128 -2.95 21.15 8.12
C SER A 128 -3.40 21.85 9.40
N ASP A 129 -4.69 22.14 9.49
CA ASP A 129 -5.24 22.80 10.67
C ASP A 129 -5.70 21.76 11.70
N GLY A 130 -5.68 20.50 11.31
CA GLY A 130 -6.05 19.42 12.22
C GLY A 130 -7.47 18.90 12.02
N VAL A 131 -8.25 19.55 11.17
CA VAL A 131 -9.61 19.08 10.89
C VAL A 131 -9.57 17.85 10.00
N ILE A 132 -10.40 16.86 10.32
CA ILE A 132 -10.51 15.67 9.50
C ILE A 132 -11.46 15.98 8.35
N ALA A 133 -10.93 16.00 7.14
CA ALA A 133 -11.74 16.31 5.97
C ALA A 133 -12.70 15.16 5.70
N THR A 134 -12.20 13.95 5.82
CA THR A 134 -12.99 12.78 5.51
C THR A 134 -12.22 11.54 5.92
N SER A 135 -12.87 10.38 5.84
CA SER A 135 -12.20 9.12 6.05
C SER A 135 -12.37 8.28 4.80
N LEU A 136 -11.37 7.44 4.51
CA LEU A 136 -11.39 6.60 3.32
C LEU A 136 -11.26 5.14 3.74
N SER A 137 -11.81 4.24 2.93
CA SER A 137 -11.70 2.82 3.28
C SER A 137 -11.59 1.92 2.07
N ASP A 138 -11.89 0.63 2.27
CA ASP A 138 -11.71 -0.39 1.24
C ASP A 138 -12.10 0.10 -0.15
N GLY A 139 -11.17 -0.01 -1.10
CA GLY A 139 -11.48 0.32 -2.48
C GLY A 139 -11.14 1.74 -2.86
N SER A 140 -10.75 2.55 -1.88
CA SER A 140 -10.38 3.92 -2.19
C SER A 140 -8.87 4.01 -2.38
N TYR A 141 -8.37 5.20 -2.65
CA TYR A 141 -6.94 5.38 -2.80
C TYR A 141 -6.57 6.78 -2.35
N PHE A 142 -5.29 7.00 -2.06
CA PHE A 142 -4.86 8.31 -1.61
C PHE A 142 -3.37 8.48 -1.87
N GLY A 143 -2.90 9.73 -1.81
CA GLY A 143 -1.49 10.02 -2.00
C GLY A 143 -1.17 10.26 -3.47
N GLU A 144 -2.21 10.45 -4.27
CA GLU A 144 -2.00 10.66 -5.70
C GLU A 144 -1.74 12.12 -6.05
N ILE A 145 -2.24 13.06 -5.24
CA ILE A 145 -2.21 14.47 -5.61
C ILE A 145 -0.77 14.92 -5.82
N CYS A 146 0.06 14.62 -4.82
CA CYS A 146 1.48 14.97 -4.84
C CYS A 146 2.20 14.40 -6.07
N LEU A 147 1.80 13.20 -6.50
CA LEU A 147 2.41 12.58 -7.68
C LEU A 147 1.98 13.28 -8.97
N LEU A 148 0.80 13.87 -8.95
CA LEU A 148 0.29 14.59 -10.12
C LEU A 148 0.89 15.99 -10.24
N THR A 149 1.06 16.65 -9.10
CA THR A 149 1.57 18.02 -9.10
C THR A 149 3.09 18.08 -8.99
N ARG A 150 3.68 16.98 -8.51
CA ARG A 150 5.11 16.95 -8.20
C ARG A 150 5.46 18.03 -7.18
N GLU A 151 4.48 18.40 -6.37
CA GLU A 151 4.68 19.36 -5.28
C GLU A 151 4.77 18.61 -3.94
N ARG A 152 3.96 19.00 -2.97
CA ARG A 152 4.01 18.37 -1.66
C ARG A 152 2.68 17.75 -1.27
N ARG A 153 2.70 16.86 -0.28
CA ARG A 153 1.48 16.28 0.28
C ARG A 153 0.55 17.38 0.79
N VAL A 154 -0.74 17.30 0.47
CA VAL A 154 -1.66 18.39 0.84
C VAL A 154 -2.45 18.13 2.11
N ALA A 155 -2.27 16.95 2.68
CA ALA A 155 -3.00 16.55 3.88
C ALA A 155 -2.19 15.43 4.51
N SER A 156 -2.46 15.13 5.78
CA SER A 156 -1.89 13.92 6.38
C SER A 156 -2.89 12.78 6.27
N VAL A 157 -2.40 11.54 6.32
CA VAL A 157 -3.29 10.39 6.30
C VAL A 157 -2.91 9.49 7.45
N LYS A 158 -3.87 9.23 8.34
CA LYS A 158 -3.61 8.50 9.57
C LYS A 158 -4.51 7.28 9.65
N CYS A 159 -3.93 6.12 9.93
CA CYS A 159 -4.71 4.89 10.04
C CYS A 159 -5.59 4.86 11.29
N GLU A 160 -6.86 4.49 11.13
CA GLU A 160 -7.74 4.28 12.26
C GLU A 160 -7.64 2.82 12.70
N THR A 161 -7.50 1.92 11.74
CA THR A 161 -7.49 0.48 12.00
C THR A 161 -6.18 -0.06 11.49
N TYR A 162 -5.97 -1.37 11.59
CA TYR A 162 -4.93 -1.99 10.78
C TYR A 162 -5.31 -1.76 9.33
N CYS A 163 -4.34 -1.44 8.49
CA CYS A 163 -4.61 -1.20 7.07
C CYS A 163 -3.71 -2.02 6.20
N THR A 164 -4.30 -2.67 5.20
CA THR A 164 -3.52 -3.34 4.20
C THR A 164 -3.66 -2.52 2.92
N LEU A 165 -2.52 -2.06 2.41
CA LEU A 165 -2.48 -1.15 1.29
C LEU A 165 -1.64 -1.75 0.18
N PHE A 166 -1.83 -1.26 -1.05
CA PHE A 166 -0.91 -1.57 -2.14
C PHE A 166 -0.42 -0.26 -2.69
N SER A 167 0.89 -0.07 -2.69
CA SER A 167 1.44 1.21 -3.14
C SER A 167 1.94 1.14 -4.58
N LEU A 168 1.95 2.28 -5.26
CA LEU A 168 2.53 2.41 -6.59
C LEU A 168 3.52 3.57 -6.52
N SER A 169 4.79 3.30 -6.85
CA SER A 169 5.84 4.30 -6.74
C SER A 169 5.64 5.41 -7.75
N VAL A 170 6.27 6.57 -7.53
CA VAL A 170 6.12 7.67 -8.46
C VAL A 170 6.62 7.28 -9.86
N GLN A 171 7.70 6.49 -9.92
CA GLN A 171 8.21 6.06 -11.21
C GLN A 171 7.21 5.17 -11.96
N HIS A 172 6.63 4.20 -11.27
CA HIS A 172 5.65 3.30 -11.89
C HIS A 172 4.34 4.04 -12.21
N PHE A 173 3.93 4.92 -11.30
CA PHE A 173 2.76 5.77 -11.49
C PHE A 173 2.88 6.53 -12.81
N ASN A 174 4.00 7.20 -13.01
CA ASN A 174 4.21 7.97 -14.22
C ASN A 174 4.30 7.09 -15.46
N GLN A 175 4.81 5.87 -15.28
CA GLN A 175 4.88 4.91 -16.37
C GLN A 175 3.50 4.48 -16.85
N VAL A 176 2.64 4.05 -15.93
CA VAL A 176 1.33 3.53 -16.32
C VAL A 176 0.41 4.61 -16.89
N LEU A 177 0.56 5.84 -16.40
CA LEU A 177 -0.23 6.97 -16.89
C LEU A 177 0.19 7.42 -18.29
N ASP A 178 1.45 7.20 -18.62
CA ASP A 178 1.93 7.51 -19.96
C ASP A 178 1.45 6.45 -20.92
N GLU A 179 1.51 5.20 -20.48
CA GLU A 179 1.09 4.07 -21.30
C GLU A 179 -0.41 4.13 -21.53
N PHE A 180 -1.15 4.62 -20.53
CA PHE A 180 -2.59 4.72 -20.63
C PHE A 180 -3.10 6.13 -20.25
N PRO A 181 -2.98 7.08 -21.18
CA PRO A 181 -3.25 8.50 -20.90
C PRO A 181 -4.70 8.74 -20.44
N ALA A 182 -5.64 7.95 -20.93
CA ALA A 182 -7.03 8.08 -20.52
C ALA A 182 -7.17 8.02 -19.00
N MET A 183 -6.33 7.20 -18.36
CA MET A 183 -6.35 7.07 -16.91
C MET A 183 -5.70 8.22 -16.15
N ARG A 184 -4.81 8.97 -16.80
CA ARG A 184 -4.30 10.19 -16.19
C ARG A 184 -5.43 11.19 -16.11
N LYS A 185 -6.25 11.22 -17.15
CA LYS A 185 -7.37 12.14 -17.21
C LYS A 185 -8.35 11.83 -16.09
N THR A 186 -8.74 10.57 -15.97
CA THR A 186 -9.67 10.19 -14.92
C THR A 186 -9.06 10.43 -13.55
N MET A 187 -7.76 10.24 -13.42
CA MET A 187 -7.10 10.47 -12.13
C MET A 187 -7.08 11.96 -11.79
N GLU A 188 -6.70 12.80 -12.74
CA GLU A 188 -6.69 14.24 -12.49
C GLU A 188 -8.05 14.74 -12.04
N GLU A 189 -9.12 14.18 -12.60
CA GLU A 189 -10.47 14.64 -12.26
C GLU A 189 -10.84 14.44 -10.79
N ILE A 190 -10.43 13.32 -10.18
CA ILE A 190 -10.67 13.07 -8.76
C ILE A 190 -9.75 13.93 -7.86
N ALA A 191 -8.54 14.16 -8.34
CA ALA A 191 -7.58 15.01 -7.65
C ALA A 191 -8.17 16.39 -7.47
N VAL A 192 -8.71 16.94 -8.54
CA VAL A 192 -9.37 18.23 -8.43
C VAL A 192 -10.57 18.10 -7.48
N ARG A 193 -11.37 17.04 -7.65
CA ARG A 193 -12.57 16.84 -6.83
C ARG A 193 -12.23 16.34 -5.45
N ARG A 194 -11.04 16.66 -4.98
CA ARG A 194 -10.72 16.56 -3.58
C ARG A 194 -10.43 18.02 -3.25
N LEU A 195 -11.53 18.73 -3.06
CA LEU A 195 -11.67 20.17 -3.34
C LEU A 195 -10.63 21.14 -2.79
#